data_9FC2
#
_entry.id   9FC2
#
_cell.length_a   97.664
_cell.length_b   97.664
_cell.length_c   64.350
_cell.angle_alpha   90.000
_cell.angle_beta   90.000
_cell.angle_gamma   120.000
#
_symmetry.space_group_name_H-M   'P 61'
#
loop_
_entity.id
_entity.type
_entity.pdbx_description
1 polymer 'Spike protein S1'
2 polymer 'Nanobody 4'
3 non-polymer 2-acetamido-2-deoxy-beta-D-glucopyranose
4 non-polymer 1,2-ETHANEDIOL
5 non-polymer 'ACETATE ION'
6 water water
#
loop_
_entity_poly.entity_id
_entity_poly.type
_entity_poly.pdbx_seq_one_letter_code
_entity_poly.pdbx_strand_id
1 'polypeptide(L)'
;GSITNLCPFGEVFNATRFASVYAWNRKRISNCVADYSVLYNSASFSTFKCYGVSPTKLNDLCFTNVYADSFVIRGDEVRQ
IAPGQTGKIADYNYKLPDDFTGCVIAWNSNNLDSKVGGNYNYLYRLFRKSNLKPFERDISTEIYQAGSTPCNGVEGFNCY
FPLQSYGFQPTNGVGYQPYRVVVLSFELLHAPATVCGPKKSTNLVPR
;
A
2 'polypeptide(L)'
;QVQLVESGGGSVQAGGSLRLSCAASGDTGRTCNLVWYRQAPGKELEFVSSISDGSTNYAGSVKGRFTISQDNAKNTVYLQ
MNSLKPEDTAVYYCAATISRTGSLWCEEYWGQGTQVTVSSALVPR
;
B
#
loop_
_chem_comp.id
_chem_comp.type
_chem_comp.name
_chem_comp.formula
ACT non-polymer 'ACETATE ION' 'C2 H3 O2 -1'
EDO non-polymer 1,2-ETHANEDIOL 'C2 H6 O2'
NAG D-saccharide, beta linking 2-acetamido-2-deoxy-beta-D-glucopyranose 'C8 H15 N O6'
#
# COMPACT_ATOMS: atom_id res chain seq x y z
N THR A 4 24.76 12.69 -20.58
CA THR A 4 24.13 13.61 -19.64
C THR A 4 22.61 13.57 -19.71
N ASN A 5 22.00 12.39 -19.61
CA ASN A 5 20.55 12.37 -19.43
C ASN A 5 20.22 12.85 -18.02
N LEU A 6 19.11 13.55 -17.89
CA LEU A 6 18.68 14.01 -16.57
C LEU A 6 17.94 12.92 -15.81
N CYS A 7 18.16 12.89 -14.50
CA CYS A 7 17.54 11.86 -13.70
C CYS A 7 16.02 11.98 -13.72
N PRO A 8 15.29 10.85 -13.83
CA PRO A 8 13.82 10.86 -13.98
C PRO A 8 13.09 11.00 -12.63
N PHE A 9 13.40 12.06 -11.89
CA PHE A 9 12.77 12.22 -10.58
C PHE A 9 11.30 12.56 -10.71
N GLY A 10 10.91 13.18 -11.83
CA GLY A 10 9.51 13.49 -12.04
C GLY A 10 8.61 12.28 -11.96
N GLU A 11 9.10 11.12 -12.44
CA GLU A 11 8.27 9.94 -12.38
C GLU A 11 7.93 9.58 -10.95
N VAL A 12 8.82 9.89 -10.01
CA VAL A 12 8.57 9.58 -8.61
C VAL A 12 7.72 10.66 -7.99
N PHE A 13 8.17 11.91 -8.10
CA PHE A 13 7.49 12.97 -7.36
C PHE A 13 6.11 13.24 -7.89
N ASN A 14 5.90 13.06 -9.20
CA ASN A 14 4.67 13.44 -9.84
C ASN A 14 3.77 12.26 -10.15
N ALA A 15 4.05 11.09 -9.61
CA ALA A 15 3.17 9.94 -9.87
C ALA A 15 1.76 10.28 -9.41
N THR A 16 0.74 9.87 -10.18
CA THR A 16 -0.63 10.21 -9.81
CA THR A 16 -0.63 10.21 -9.81
C THR A 16 -1.07 9.50 -8.53
N ARG A 17 -0.72 8.22 -8.40
CA ARG A 17 -0.98 7.52 -7.16
CA ARG A 17 -0.97 7.51 -7.17
C ARG A 17 0.33 7.10 -6.52
N PHE A 18 0.36 7.15 -5.22
CA PHE A 18 1.49 6.71 -4.43
C PHE A 18 1.11 5.40 -3.76
N ALA A 19 2.13 4.68 -3.27
CA ALA A 19 1.94 3.44 -2.55
C ALA A 19 1.49 3.68 -1.11
N SER A 20 0.70 2.74 -0.58
CA SER A 20 0.60 2.59 0.87
C SER A 20 1.99 2.37 1.46
N VAL A 21 2.20 2.91 2.66
CA VAL A 21 3.51 2.80 3.28
C VAL A 21 3.95 1.34 3.51
N TYR A 22 3.02 0.44 3.86
CA TYR A 22 3.44 -0.94 4.10
C TYR A 22 4.01 -1.55 2.84
N ALA A 23 3.51 -1.11 1.68
CA ALA A 23 3.92 -1.57 0.36
C ALA A 23 4.70 -0.48 -0.36
N TRP A 24 5.62 0.17 0.37
CA TRP A 24 6.32 1.32 -0.18
C TRP A 24 7.00 0.98 -1.50
N ASN A 25 7.06 1.96 -2.40
CA ASN A 25 7.66 1.76 -3.70
CA ASN A 25 7.66 1.76 -3.70
C ASN A 25 9.12 2.21 -3.68
N ARG A 26 9.92 1.66 -4.60
CA ARG A 26 11.29 2.07 -4.78
C ARG A 26 11.58 2.21 -6.27
N LYS A 27 12.27 3.28 -6.64
CA LYS A 27 12.78 3.44 -7.99
C LYS A 27 14.28 3.63 -7.90
N ARG A 28 15.03 2.88 -8.71
CA ARG A 28 16.46 3.05 -8.80
C ARG A 28 16.77 4.14 -9.82
N ILE A 29 17.62 5.07 -9.43
CA ILE A 29 18.07 6.18 -10.28
C ILE A 29 19.55 5.98 -10.56
N SER A 30 19.94 6.01 -11.83
CA SER A 30 21.34 5.82 -12.15
C SER A 30 21.67 6.44 -13.51
N ASN A 31 22.96 6.65 -13.73
CA ASN A 31 23.49 7.09 -15.01
C ASN A 31 22.79 8.36 -15.50
N CYS A 32 22.75 9.38 -14.64
CA CYS A 32 22.02 10.57 -15.02
C CYS A 32 22.54 11.73 -14.18
N VAL A 33 22.14 12.93 -14.55
CA VAL A 33 22.54 14.14 -13.84
C VAL A 33 21.30 14.67 -13.13
N ALA A 34 21.45 14.99 -11.85
CA ALA A 34 20.35 15.53 -11.07
C ALA A 34 20.72 16.91 -10.56
N ASP A 35 19.80 17.86 -10.73
CA ASP A 35 19.89 19.16 -10.05
C ASP A 35 19.04 19.11 -8.79
N TYR A 36 19.69 18.80 -7.65
CA TYR A 36 18.96 18.73 -6.39
C TYR A 36 18.45 20.09 -5.94
N SER A 37 19.00 21.19 -6.47
CA SER A 37 18.54 22.50 -6.02
C SER A 37 17.09 22.72 -6.41
N VAL A 38 16.64 22.14 -7.52
CA VAL A 38 15.24 22.27 -7.89
C VAL A 38 14.33 21.67 -6.84
N LEU A 39 14.71 20.52 -6.29
CA LEU A 39 13.90 19.91 -5.24
C LEU A 39 14.00 20.75 -3.97
N TYR A 40 15.23 21.12 -3.58
CA TYR A 40 15.44 21.85 -2.33
C TYR A 40 14.69 23.16 -2.32
N ASN A 41 14.64 23.84 -3.47
CA ASN A 41 14.04 25.17 -3.50
C ASN A 41 12.56 25.14 -3.79
N SER A 42 11.99 23.98 -4.05
CA SER A 42 10.56 23.93 -4.35
C SER A 42 9.70 24.31 -3.15
N ALA A 43 8.79 25.27 -3.34
CA ALA A 43 7.85 25.66 -2.29
C ALA A 43 6.85 24.56 -1.98
N SER A 44 6.76 23.55 -2.82
CA SER A 44 5.78 22.47 -2.61
CA SER A 44 5.77 22.49 -2.59
C SER A 44 6.15 21.58 -1.42
N PHE A 45 7.42 21.52 -1.04
CA PHE A 45 7.84 20.51 -0.07
C PHE A 45 7.97 21.16 1.29
N SER A 46 7.19 20.69 2.25
CA SER A 46 7.25 21.22 3.59
C SER A 46 8.26 20.52 4.48
N THR A 47 8.71 19.32 4.12
CA THR A 47 9.83 18.67 4.78
C THR A 47 10.92 18.46 3.74
N PHE A 48 12.15 18.82 4.08
CA PHE A 48 13.32 18.50 3.26
C PHE A 48 14.48 18.39 4.26
N LYS A 49 14.74 17.16 4.69
CA LYS A 49 15.70 16.92 5.76
C LYS A 49 16.72 15.89 5.29
N CYS A 50 18.01 16.20 5.46
CA CYS A 50 19.05 15.28 5.00
C CYS A 50 19.87 14.76 6.17
N TYR A 51 20.43 13.58 5.98
CA TYR A 51 21.15 12.85 7.01
C TYR A 51 22.42 12.30 6.39
N GLY A 52 23.55 12.43 7.10
CA GLY A 52 24.79 11.90 6.58
C GLY A 52 25.40 12.70 5.46
N VAL A 53 24.75 13.79 5.06
CA VAL A 53 25.22 14.64 3.97
C VAL A 53 24.54 15.96 4.17
N SER A 54 25.22 17.07 3.82
CA SER A 54 24.58 18.36 3.96
C SER A 54 23.93 18.72 2.62
N PRO A 55 22.76 19.36 2.62
CA PRO A 55 22.20 19.84 1.36
C PRO A 55 23.15 20.66 0.53
N THR A 56 24.04 21.45 1.17
CA THR A 56 24.89 22.33 0.39
C THR A 56 25.80 21.53 -0.54
N LYS A 57 25.99 20.23 -0.29
CA LYS A 57 26.91 19.44 -1.08
C LYS A 57 26.23 18.62 -2.17
N LEU A 58 24.90 18.58 -2.23
CA LEU A 58 24.22 17.58 -3.07
C LEU A 58 24.55 17.76 -4.55
N ASN A 59 24.76 19.01 -5.00
CA ASN A 59 25.09 19.23 -6.41
C ASN A 59 26.56 19.07 -6.70
N ASP A 60 27.37 18.75 -5.69
CA ASP A 60 28.80 18.59 -5.87
C ASP A 60 29.27 17.16 -5.69
N LEU A 61 28.36 16.23 -5.48
CA LEU A 61 28.74 14.87 -5.17
C LEU A 61 28.26 13.95 -6.28
N CYS A 62 28.91 12.80 -6.38
CA CYS A 62 28.47 11.74 -7.28
C CYS A 62 28.28 10.49 -6.45
N PHE A 63 27.27 9.70 -6.80
CA PHE A 63 26.95 8.45 -6.10
C PHE A 63 26.85 7.32 -7.10
N THR A 64 27.03 6.09 -6.60
CA THR A 64 26.91 4.91 -7.45
C THR A 64 25.47 4.72 -7.92
N ASN A 65 24.51 4.86 -7.00
CA ASN A 65 23.09 4.78 -7.30
C ASN A 65 22.38 5.73 -6.35
N VAL A 66 21.20 6.17 -6.75
CA VAL A 66 20.26 6.81 -5.84
C VAL A 66 19.00 5.98 -5.87
N TYR A 67 18.42 5.73 -4.70
CA TYR A 67 17.12 5.08 -4.62
C TYR A 67 16.10 6.11 -4.17
N ALA A 68 14.91 6.05 -4.75
CA ALA A 68 13.83 6.94 -4.36
C ALA A 68 12.68 6.06 -3.91
N ASP A 69 12.42 6.06 -2.60
CA ASP A 69 11.33 5.29 -2.03
C ASP A 69 10.16 6.24 -1.79
N SER A 70 8.94 5.80 -2.03
CA SER A 70 7.83 6.73 -1.89
C SER A 70 6.57 6.03 -1.39
N PHE A 71 5.75 6.82 -0.67
CA PHE A 71 4.59 6.27 0.02
C PHE A 71 3.81 7.42 0.65
N VAL A 72 2.64 7.09 1.21
CA VAL A 72 1.80 8.04 1.94
C VAL A 72 1.70 7.61 3.40
N ILE A 73 1.80 8.59 4.29
CA ILE A 73 1.55 8.39 5.72
C ILE A 73 0.76 9.59 6.21
N ARG A 74 0.41 9.61 7.50
CA ARG A 74 -0.28 10.79 8.00
C ARG A 74 0.73 11.81 8.53
N GLY A 75 0.29 13.08 8.59
CA GLY A 75 1.23 14.15 8.88
C GLY A 75 2.02 13.94 10.16
N ASP A 76 1.36 13.49 11.23
CA ASP A 76 2.08 13.39 12.49
C ASP A 76 3.05 12.20 12.51
N GLU A 77 3.12 11.43 11.43
CA GLU A 77 4.07 10.34 11.29
C GLU A 77 5.30 10.68 10.47
N VAL A 78 5.31 11.85 9.81
CA VAL A 78 6.48 12.19 9.01
C VAL A 78 7.73 12.18 9.85
N ARG A 79 7.62 12.59 11.11
N ARG A 79 7.62 12.55 11.12
CA ARG A 79 8.78 12.60 11.99
CA ARG A 79 8.81 12.60 11.97
C ARG A 79 9.37 11.21 12.20
C ARG A 79 9.37 11.20 12.22
N GLN A 80 8.60 10.14 11.96
CA GLN A 80 9.14 8.80 12.13
C GLN A 80 10.06 8.42 10.97
N ILE A 81 10.02 9.17 9.85
CA ILE A 81 10.84 8.82 8.69
C ILE A 81 12.17 9.55 8.86
N ALA A 82 12.99 9.05 9.78
CA ALA A 82 14.28 9.65 10.10
C ALA A 82 15.07 8.57 10.84
N PRO A 83 16.40 8.60 10.78
CA PRO A 83 17.18 7.62 11.56
C PRO A 83 16.86 7.67 13.04
N GLY A 84 16.84 6.48 13.65
CA GLY A 84 16.73 6.42 15.11
C GLY A 84 15.33 6.55 15.66
N GLN A 85 14.30 6.59 14.83
CA GLN A 85 12.95 6.85 15.31
C GLN A 85 12.15 5.56 15.48
N THR A 86 10.97 5.71 16.07
CA THR A 86 10.14 4.57 16.40
C THR A 86 8.68 4.99 16.34
N GLY A 87 7.80 4.00 16.44
CA GLY A 87 6.38 4.16 16.29
C GLY A 87 5.86 3.14 15.28
N LYS A 88 4.55 3.21 15.00
CA LYS A 88 3.99 2.17 14.12
C LYS A 88 4.65 2.19 12.75
N ILE A 89 5.01 3.38 12.25
CA ILE A 89 5.53 3.45 10.90
C ILE A 89 6.97 2.98 10.86
N ALA A 90 7.83 3.55 11.71
CA ALA A 90 9.24 3.12 11.74
C ALA A 90 9.36 1.68 12.16
N ASP A 91 8.53 1.23 13.10
CA ASP A 91 8.70 -0.13 13.60
C ASP A 91 8.15 -1.19 12.65
N TYR A 92 7.02 -0.92 11.98
CA TYR A 92 6.35 -1.98 11.25
C TYR A 92 6.22 -1.75 9.75
N ASN A 93 6.58 -0.54 9.23
CA ASN A 93 6.27 -0.19 7.84
C ASN A 93 7.48 0.23 7.03
N TYR A 94 8.25 1.22 7.51
CA TYR A 94 9.37 1.73 6.72
C TYR A 94 10.40 2.23 7.70
N LYS A 95 11.60 1.62 7.69
CA LYS A 95 12.62 1.85 8.70
C LYS A 95 13.91 2.34 8.04
N LEU A 96 14.36 3.54 8.44
CA LEU A 96 15.66 4.01 8.01
C LEU A 96 16.77 3.53 8.96
N PRO A 97 17.96 3.28 8.45
CA PRO A 97 19.08 2.83 9.29
C PRO A 97 19.70 3.99 10.05
N ASP A 98 20.39 3.66 11.15
CA ASP A 98 21.11 4.70 11.90
C ASP A 98 22.08 5.45 11.02
N ASP A 99 22.76 4.76 10.11
CA ASP A 99 23.81 5.38 9.32
C ASP A 99 23.28 5.91 7.98
N PHE A 100 21.98 6.21 7.91
CA PHE A 100 21.38 6.64 6.67
C PHE A 100 22.12 7.83 6.05
N THR A 101 22.39 7.74 4.75
CA THR A 101 22.87 8.88 3.96
C THR A 101 21.81 9.16 2.91
N GLY A 102 21.12 10.28 3.06
CA GLY A 102 20.02 10.58 2.17
C GLY A 102 19.18 11.72 2.68
N CYS A 103 18.08 11.96 1.96
CA CYS A 103 17.17 13.04 2.30
C CYS A 103 15.74 12.53 2.30
N VAL A 104 14.93 13.13 3.17
CA VAL A 104 13.51 12.81 3.31
C VAL A 104 12.74 14.08 2.91
N ILE A 105 11.84 13.93 1.95
CA ILE A 105 11.08 15.04 1.40
C ILE A 105 9.62 14.70 1.55
N ALA A 106 8.81 15.64 2.03
CA ALA A 106 7.38 15.35 2.18
C ALA A 106 6.53 16.57 1.89
N TRP A 107 5.26 16.32 1.56
CA TRP A 107 4.32 17.41 1.33
C TRP A 107 2.91 16.93 1.60
N ASN A 108 2.06 17.87 2.00
CA ASN A 108 0.68 17.56 2.28
C ASN A 108 -0.04 17.19 0.98
N SER A 109 -0.78 16.08 1.00
CA SER A 109 -1.48 15.61 -0.19
C SER A 109 -2.96 15.45 0.06
N ASN A 110 -3.52 16.26 0.99
CA ASN A 110 -4.95 16.20 1.26
C ASN A 110 -5.80 16.35 0.00
N ASN A 111 -5.36 17.18 -0.96
CA ASN A 111 -6.16 17.42 -2.16
C ASN A 111 -6.23 16.21 -3.07
N LEU A 112 -5.28 15.28 -2.98
CA LEU A 112 -5.24 14.12 -3.85
C LEU A 112 -5.63 12.85 -3.13
N ASP A 113 -5.32 12.74 -1.84
CA ASP A 113 -5.29 11.48 -1.13
C ASP A 113 -6.37 11.32 -0.06
N SER A 114 -7.22 12.32 0.13
CA SER A 114 -8.39 12.13 0.96
C SER A 114 -9.61 11.94 0.07
N LYS A 115 -10.63 11.32 0.62
CA LYS A 115 -11.90 11.16 -0.05
C LYS A 115 -13.01 11.46 0.94
N VAL A 116 -14.10 12.05 0.45
CA VAL A 116 -15.29 12.15 1.28
C VAL A 116 -15.73 10.72 1.62
N GLY A 117 -16.08 10.50 2.87
CA GLY A 117 -16.40 9.17 3.36
C GLY A 117 -15.20 8.32 3.70
N GLY A 118 -13.98 8.83 3.52
CA GLY A 118 -12.75 8.17 3.92
C GLY A 118 -12.08 7.44 2.77
N ASN A 119 -10.84 7.76 2.49
CA ASN A 119 -10.14 7.01 1.46
C ASN A 119 -9.85 5.59 1.94
N TYR A 120 -10.04 4.64 1.04
CA TYR A 120 -9.72 3.25 1.33
C TYR A 120 -8.35 2.83 0.80
N ASN A 121 -7.70 3.67 -0.02
CA ASN A 121 -6.52 3.21 -0.76
CA ASN A 121 -6.52 3.27 -0.79
C ASN A 121 -5.26 3.09 0.06
N TYR A 122 -5.11 3.88 1.11
CA TYR A 122 -3.83 3.98 1.83
C TYR A 122 -3.94 3.24 3.16
N LEU A 123 -3.12 2.20 3.30
CA LEU A 123 -3.10 1.36 4.48
C LEU A 123 -1.75 1.45 5.18
N TYR A 124 -1.72 1.05 6.45
CA TYR A 124 -0.46 0.86 7.15
C TYR A 124 -0.56 -0.43 7.97
N ARG A 125 0.60 -1.02 8.27
CA ARG A 125 0.64 -2.18 9.15
C ARG A 125 0.58 -1.71 10.59
N LEU A 126 -0.40 -2.25 11.33
CA LEU A 126 -0.68 -1.83 12.68
C LEU A 126 -0.10 -2.75 13.72
N PHE A 127 0.16 -4.02 13.35
CA PHE A 127 0.64 -5.05 14.27
C PHE A 127 1.77 -5.80 13.60
N ARG A 128 2.83 -6.07 14.34
CA ARG A 128 3.90 -6.91 13.84
C ARG A 128 4.61 -7.48 15.06
N LYS A 129 5.05 -8.73 14.94
CA LYS A 129 5.66 -9.38 16.09
CA LYS A 129 5.66 -9.38 16.09
C LYS A 129 7.04 -8.81 16.41
N SER A 130 7.78 -8.31 15.42
CA SER A 130 9.06 -7.70 15.66
C SER A 130 9.21 -6.52 14.72
N ASN A 131 10.18 -5.69 15.02
CA ASN A 131 10.48 -4.52 14.21
C ASN A 131 11.11 -4.88 12.89
N LEU A 132 10.83 -4.04 11.90
CA LEU A 132 11.52 -4.17 10.63
C LEU A 132 12.98 -3.80 10.77
N LYS A 133 13.83 -4.50 10.02
CA LYS A 133 15.21 -4.08 9.85
C LYS A 133 15.23 -2.92 8.87
N PRO A 134 16.32 -2.14 8.82
CA PRO A 134 16.31 -0.99 7.90
C PRO A 134 16.08 -1.43 6.45
N PHE A 135 15.19 -0.71 5.78
CA PHE A 135 14.84 -0.96 4.36
C PHE A 135 14.17 -2.31 4.14
N GLU A 136 13.67 -2.96 5.20
CA GLU A 136 12.92 -4.17 5.01
C GLU A 136 11.50 -3.79 4.61
N ARG A 137 10.84 -4.72 3.92
CA ARG A 137 9.49 -4.52 3.41
C ARG A 137 8.65 -5.74 3.69
N ASP A 138 7.47 -5.54 4.28
CA ASP A 138 6.59 -6.63 4.67
C ASP A 138 5.24 -6.34 4.03
N ILE A 139 4.87 -7.16 3.04
CA ILE A 139 3.58 -7.03 2.40
C ILE A 139 2.66 -8.20 2.71
N SER A 140 2.99 -8.98 3.73
CA SER A 140 2.16 -10.14 4.08
C SER A 140 0.84 -9.72 4.74
N THR A 141 -0.15 -10.62 4.71
CA THR A 141 -1.41 -10.31 5.39
C THR A 141 -1.91 -11.57 6.12
N GLU A 142 -1.04 -12.12 6.95
CA GLU A 142 -1.42 -13.19 7.86
C GLU A 142 -2.16 -12.62 9.05
N ILE A 143 -3.14 -13.36 9.55
CA ILE A 143 -3.83 -12.92 10.74
C ILE A 143 -2.84 -12.88 11.89
N TYR A 144 -2.82 -11.77 12.62
CA TYR A 144 -1.89 -11.58 13.71
C TYR A 144 -2.48 -12.24 14.95
N GLN A 145 -1.79 -13.23 15.49
CA GLN A 145 -2.30 -13.95 16.65
C GLN A 145 -1.86 -13.27 17.93
N ALA A 146 -2.79 -12.56 18.57
CA ALA A 146 -2.47 -11.73 19.72
C ALA A 146 -2.49 -12.54 21.02
N GLY A 147 -3.22 -13.63 21.07
CA GLY A 147 -3.28 -14.37 22.30
C GLY A 147 -2.86 -15.81 22.17
N SER A 148 -3.30 -16.59 23.14
CA SER A 148 -3.00 -18.01 23.23
CA SER A 148 -2.94 -18.00 23.15
C SER A 148 -3.87 -18.87 22.32
N THR A 149 -4.98 -18.33 21.82
CA THR A 149 -5.86 -19.12 20.98
C THR A 149 -5.41 -19.02 19.52
N PRO A 150 -5.14 -20.12 18.86
CA PRO A 150 -4.80 -20.07 17.43
CA PRO A 150 -4.79 -20.03 17.44
C PRO A 150 -5.94 -19.43 16.66
N CYS A 151 -5.58 -18.62 15.64
CA CYS A 151 -6.60 -17.96 14.85
C CYS A 151 -7.13 -18.81 13.72
N ASN A 152 -6.37 -19.78 13.25
CA ASN A 152 -6.87 -20.67 12.23
C ASN A 152 -7.39 -19.92 11.00
N GLY A 153 -6.72 -18.80 10.65
CA GLY A 153 -7.06 -18.09 9.44
C GLY A 153 -8.34 -17.31 9.55
N VAL A 154 -8.80 -17.01 10.77
CA VAL A 154 -10.04 -16.26 10.97
C VAL A 154 -9.77 -15.05 11.88
N GLU A 155 -10.14 -13.88 11.38
CA GLU A 155 -10.04 -12.66 12.14
C GLU A 155 -11.15 -12.60 13.15
N GLY A 156 -10.84 -12.01 14.30
CA GLY A 156 -11.83 -11.82 15.34
C GLY A 156 -11.12 -11.47 16.62
N PHE A 157 -11.65 -11.92 17.74
CA PHE A 157 -11.07 -11.60 19.04
C PHE A 157 -9.63 -12.10 19.11
N ASN A 158 -8.71 -11.22 19.48
CA ASN A 158 -7.30 -11.55 19.60
C ASN A 158 -6.68 -12.10 18.31
N CYS A 159 -7.31 -11.85 17.16
CA CYS A 159 -6.88 -12.39 15.87
C CYS A 159 -7.09 -11.29 14.83
N TYR A 160 -6.05 -10.49 14.59
CA TYR A 160 -6.22 -9.23 13.89
C TYR A 160 -5.72 -9.27 12.47
N PHE A 161 -6.50 -8.71 11.55
CA PHE A 161 -5.93 -8.43 10.23
C PHE A 161 -4.88 -7.34 10.42
N PRO A 162 -3.69 -7.46 9.84
CA PRO A 162 -2.59 -6.61 10.29
C PRO A 162 -2.48 -5.26 9.62
N LEU A 163 -3.28 -4.99 8.59
CA LEU A 163 -3.24 -3.71 7.93
C LEU A 163 -4.53 -2.96 8.24
N GLN A 164 -4.41 -1.65 8.35
CA GLN A 164 -5.54 -0.78 8.62
C GLN A 164 -5.53 0.40 7.67
N SER A 165 -6.71 0.81 7.23
CA SER A 165 -6.85 1.99 6.38
C SER A 165 -6.70 3.26 7.22
N TYR A 166 -5.96 4.22 6.67
CA TYR A 166 -5.93 5.55 7.25
C TYR A 166 -7.29 6.23 7.19
N GLY A 167 -8.10 5.91 6.18
CA GLY A 167 -9.43 6.52 6.11
C GLY A 167 -9.41 8.01 5.90
N PHE A 168 -8.40 8.53 5.20
CA PHE A 168 -8.24 9.98 5.09
C PHE A 168 -9.51 10.62 4.56
N GLN A 169 -10.01 11.63 5.29
CA GLN A 169 -11.17 12.43 4.91
C GLN A 169 -10.71 13.87 4.82
N PRO A 170 -11.26 14.66 3.90
CA PRO A 170 -10.70 16.01 3.66
C PRO A 170 -10.81 16.95 4.84
N THR A 171 -11.73 16.67 5.77
CA THR A 171 -11.98 17.43 6.97
C THR A 171 -11.06 17.07 8.13
N ASN A 172 -10.20 16.07 7.99
CA ASN A 172 -9.28 15.72 9.07
C ASN A 172 -8.42 16.91 9.46
N GLY A 173 -8.00 16.96 10.73
CA GLY A 173 -6.97 17.89 11.12
C GLY A 173 -5.66 17.59 10.42
N VAL A 174 -4.77 18.60 10.36
CA VAL A 174 -3.57 18.50 9.54
CA VAL A 174 -3.55 18.50 9.55
C VAL A 174 -2.66 17.32 9.96
N GLY A 175 -2.57 17.02 11.26
CA GLY A 175 -1.77 15.88 11.73
C GLY A 175 -2.28 14.54 11.27
N TYR A 176 -3.55 14.50 10.87
CA TYR A 176 -4.18 13.28 10.40
C TYR A 176 -4.41 13.32 8.89
N GLN A 177 -3.93 14.37 8.20
CA GLN A 177 -4.03 14.44 6.76
C GLN A 177 -2.92 13.64 6.10
N PRO A 178 -3.12 13.21 4.85
CA PRO A 178 -2.08 12.45 4.15
C PRO A 178 -0.95 13.36 3.71
N TYR A 179 0.25 12.79 3.79
CA TYR A 179 1.46 13.39 3.28
C TYR A 179 2.11 12.38 2.35
N ARG A 180 2.51 12.86 1.19
CA ARG A 180 3.35 12.09 0.30
C ARG A 180 4.81 12.27 0.72
N VAL A 181 5.56 11.18 0.70
CA VAL A 181 6.95 11.15 1.15
C VAL A 181 7.80 10.54 0.07
N VAL A 182 8.94 11.17 -0.19
CA VAL A 182 9.98 10.57 -1.03
C VAL A 182 11.25 10.55 -0.20
N VAL A 183 11.87 9.37 -0.11
CA VAL A 183 13.14 9.18 0.60
C VAL A 183 14.21 8.90 -0.45
N LEU A 184 15.21 9.78 -0.54
CA LEU A 184 16.33 9.59 -1.45
C LEU A 184 17.50 9.00 -0.66
N SER A 185 17.95 7.81 -1.05
CA SER A 185 19.15 7.22 -0.50
C SER A 185 20.30 7.41 -1.47
N PHE A 186 21.43 7.88 -0.95
CA PHE A 186 22.63 8.11 -1.74
C PHE A 186 23.64 7.01 -1.45
N GLU A 187 23.83 6.12 -2.41
CA GLU A 187 24.63 4.92 -2.21
C GLU A 187 26.01 5.10 -2.84
N LEU A 188 27.05 4.86 -2.04
CA LEU A 188 28.43 4.92 -2.53
C LEU A 188 29.06 3.55 -2.35
N LEU A 189 29.28 2.86 -3.45
CA LEU A 189 29.93 1.55 -3.48
C LEU A 189 31.30 1.68 -4.11
N HIS A 190 32.09 0.60 -4.01
CA HIS A 190 33.36 0.53 -4.71
C HIS A 190 33.09 0.15 -6.16
N ALA A 191 32.49 1.10 -6.86
CA ALA A 191 32.06 0.96 -8.24
C ALA A 191 31.98 2.35 -8.85
N PRO A 192 31.94 2.45 -10.17
CA PRO A 192 31.92 3.79 -10.79
C PRO A 192 30.66 4.56 -10.39
N ALA A 193 30.86 5.83 -10.03
CA ALA A 193 29.72 6.69 -9.74
C ALA A 193 28.97 6.97 -11.04
N THR A 194 27.65 7.03 -10.94
CA THR A 194 26.80 7.21 -12.10
C THR A 194 25.75 8.32 -11.96
N VAL A 195 25.48 8.81 -10.76
CA VAL A 195 24.49 9.86 -10.54
C VAL A 195 25.20 11.04 -9.91
N CYS A 196 25.27 12.14 -10.66
CA CYS A 196 26.07 13.29 -10.25
C CYS A 196 25.19 14.53 -10.25
N GLY A 197 25.54 15.48 -9.39
CA GLY A 197 25.04 16.82 -9.54
C GLY A 197 25.61 17.43 -10.81
N PRO A 198 25.09 18.61 -11.19
CA PRO A 198 25.54 19.29 -12.41
C PRO A 198 26.89 19.98 -12.24
N GLN B 1 1.67 -0.54 -15.82
CA GLN B 1 0.67 -1.02 -16.75
C GLN B 1 -0.07 -2.27 -16.25
N VAL B 2 -0.25 -2.38 -14.93
CA VAL B 2 -1.09 -3.44 -14.36
C VAL B 2 -2.40 -2.80 -13.91
N GLN B 3 -3.52 -3.50 -14.15
CA GLN B 3 -4.82 -3.05 -13.66
C GLN B 3 -5.61 -4.18 -13.06
N LEU B 4 -6.37 -3.88 -12.02
CA LEU B 4 -7.33 -4.80 -11.43
C LEU B 4 -8.74 -4.31 -11.74
N VAL B 5 -9.55 -5.22 -12.28
CA VAL B 5 -10.93 -4.90 -12.66
C VAL B 5 -11.84 -5.85 -11.92
N GLU B 6 -12.76 -5.27 -11.15
CA GLU B 6 -13.80 -6.03 -10.48
C GLU B 6 -15.05 -6.20 -11.32
N SER B 7 -15.79 -7.27 -11.01
CA SER B 7 -17.12 -7.44 -11.54
CA SER B 7 -17.13 -7.47 -11.55
C SER B 7 -17.94 -8.27 -10.55
N GLY B 8 -19.25 -8.23 -10.70
CA GLY B 8 -20.12 -9.13 -9.97
C GLY B 8 -21.00 -8.54 -8.90
N GLY B 9 -20.88 -7.28 -8.54
CA GLY B 9 -21.77 -6.75 -7.52
C GLY B 9 -23.22 -6.59 -7.98
N GLY B 10 -24.09 -6.21 -7.06
CA GLY B 10 -25.47 -5.93 -7.38
C GLY B 10 -26.33 -5.93 -6.13
N SER B 11 -27.64 -5.91 -6.38
CA SER B 11 -28.67 -5.97 -5.35
C SER B 11 -29.22 -7.40 -5.24
N VAL B 12 -29.37 -7.88 -4.00
CA VAL B 12 -29.88 -9.23 -3.78
CA VAL B 12 -29.86 -9.24 -3.77
C VAL B 12 -30.70 -9.21 -2.51
N GLN B 13 -31.59 -10.18 -2.37
CA GLN B 13 -32.35 -10.33 -1.15
C GLN B 13 -31.53 -11.11 -0.15
N ALA B 14 -31.76 -10.83 1.14
CA ALA B 14 -31.12 -11.60 2.20
C ALA B 14 -31.29 -13.09 1.97
N GLY B 15 -30.21 -13.85 2.17
CA GLY B 15 -30.17 -15.27 1.90
C GLY B 15 -29.62 -15.61 0.52
N GLY B 16 -29.54 -14.63 -0.37
CA GLY B 16 -29.07 -14.83 -1.72
C GLY B 16 -27.57 -14.89 -1.82
N SER B 17 -27.07 -14.96 -3.05
CA SER B 17 -25.66 -15.11 -3.28
CA SER B 17 -25.66 -15.15 -3.32
C SER B 17 -25.21 -14.22 -4.43
N LEU B 18 -23.92 -13.87 -4.40
CA LEU B 18 -23.28 -13.13 -5.47
C LEU B 18 -21.88 -13.72 -5.58
N ARG B 19 -21.27 -13.60 -6.76
CA ARG B 19 -19.87 -13.97 -6.94
CA ARG B 19 -19.87 -13.96 -6.93
C ARG B 19 -19.13 -12.76 -7.49
N LEU B 20 -18.16 -12.27 -6.73
CA LEU B 20 -17.33 -11.18 -7.21
C LEU B 20 -16.08 -11.73 -7.85
N SER B 21 -15.56 -10.99 -8.82
CA SER B 21 -14.32 -11.31 -9.51
CA SER B 21 -14.30 -11.34 -9.44
C SER B 21 -13.36 -10.15 -9.40
N CYS B 22 -12.07 -10.45 -9.27
CA CYS B 22 -11.03 -9.44 -9.31
C CYS B 22 -10.01 -9.94 -10.33
N ALA B 23 -9.99 -9.31 -11.51
CA ALA B 23 -9.18 -9.79 -12.63
C ALA B 23 -7.99 -8.86 -12.84
N ALA B 24 -6.78 -9.42 -12.91
CA ALA B 24 -5.60 -8.61 -13.15
C ALA B 24 -5.27 -8.67 -14.65
N SER B 25 -4.85 -7.54 -15.20
CA SER B 25 -4.48 -7.49 -16.60
C SER B 25 -3.35 -6.49 -16.81
N GLY B 26 -2.79 -6.49 -18.03
CA GLY B 26 -1.65 -5.63 -18.28
C GLY B 26 -0.34 -6.40 -18.19
N ASP B 27 0.73 -5.70 -17.79
N ASP B 27 0.74 -5.70 -17.82
CA ASP B 27 2.06 -6.29 -17.72
CA ASP B 27 2.06 -6.32 -17.73
C ASP B 27 2.27 -6.99 -16.36
C ASP B 27 2.27 -6.98 -16.37
N THR B 28 1.36 -7.90 -16.08
CA THR B 28 1.40 -8.62 -14.81
C THR B 28 2.57 -9.61 -14.73
N GLY B 29 3.11 -9.73 -13.55
CA GLY B 29 4.03 -10.78 -13.19
C GLY B 29 3.40 -11.63 -12.10
N ARG B 30 4.09 -11.79 -11.00
CA ARG B 30 3.65 -12.69 -9.93
C ARG B 30 2.77 -11.91 -8.96
N THR B 31 1.69 -12.54 -8.49
CA THR B 31 0.86 -11.93 -7.44
C THR B 31 1.35 -12.44 -6.09
N CYS B 32 1.81 -11.52 -5.24
CA CYS B 32 2.25 -11.88 -3.90
C CYS B 32 1.07 -12.13 -2.99
N ASN B 33 0.03 -11.32 -3.07
N ASN B 33 0.00 -11.33 -3.10
CA ASN B 33 -1.19 -11.64 -2.36
CA ASN B 33 -1.08 -11.37 -2.13
C ASN B 33 -2.31 -10.78 -2.91
C ASN B 33 -2.27 -10.61 -2.71
N LEU B 34 -3.50 -11.08 -2.42
CA LEU B 34 -4.69 -10.38 -2.85
C LEU B 34 -5.68 -10.37 -1.69
N VAL B 35 -6.27 -9.20 -1.43
CA VAL B 35 -7.17 -9.01 -0.32
C VAL B 35 -8.48 -8.45 -0.86
N TRP B 36 -9.61 -8.99 -0.38
CA TRP B 36 -10.91 -8.36 -0.51
C TRP B 36 -11.24 -7.59 0.75
N TYR B 37 -11.61 -6.31 0.59
CA TYR B 37 -12.06 -5.42 1.62
C TYR B 37 -13.46 -4.96 1.27
N ARG B 38 -14.14 -4.35 2.24
CA ARG B 38 -15.41 -3.70 1.94
C ARG B 38 -15.52 -2.44 2.76
N GLN B 39 -16.22 -1.45 2.22
CA GLN B 39 -16.43 -0.21 2.94
CA GLN B 39 -16.42 -0.19 2.91
C GLN B 39 -17.80 0.33 2.60
N ALA B 40 -18.54 0.64 3.58
CA ALA B 40 -19.70 1.48 3.33
C ALA B 40 -19.28 2.94 3.54
N PRO B 41 -19.90 3.92 2.90
CA PRO B 41 -19.41 5.31 3.01
C PRO B 41 -19.29 5.78 4.46
N GLY B 42 -18.17 6.43 4.77
CA GLY B 42 -17.94 6.98 6.09
C GLY B 42 -17.49 5.97 7.13
N LYS B 43 -17.47 4.70 6.79
CA LYS B 43 -17.10 3.70 7.76
C LYS B 43 -15.72 3.19 7.40
N GLU B 44 -15.03 2.66 8.40
CA GLU B 44 -13.67 2.19 8.19
C GLU B 44 -13.67 1.01 7.23
N LEU B 45 -12.74 0.99 6.28
CA LEU B 45 -12.55 -0.16 5.42
C LEU B 45 -12.40 -1.41 6.30
N GLU B 46 -13.05 -2.48 5.89
CA GLU B 46 -13.07 -3.72 6.65
C GLU B 46 -12.43 -4.83 5.82
N PHE B 47 -11.54 -5.58 6.43
CA PHE B 47 -11.05 -6.82 5.84
C PHE B 47 -12.18 -7.84 5.67
N VAL B 48 -12.22 -8.49 4.53
CA VAL B 48 -13.15 -9.58 4.24
C VAL B 48 -12.42 -10.92 4.12
N SER B 49 -11.46 -11.01 3.18
CA SER B 49 -10.78 -12.28 2.95
C SER B 49 -9.49 -12.02 2.21
N SER B 50 -8.49 -12.89 2.36
CA SER B 50 -7.31 -12.73 1.53
C SER B 50 -6.78 -14.10 1.11
N ILE B 51 -5.93 -14.07 0.10
CA ILE B 51 -5.32 -15.29 -0.40
C ILE B 51 -3.88 -14.98 -0.80
N SER B 52 -2.98 -15.90 -0.46
CA SER B 52 -1.57 -15.78 -0.79
C SER B 52 -1.00 -17.18 -0.98
N ASP B 53 -0.51 -17.48 -2.17
CA ASP B 53 0.15 -18.77 -2.38
C ASP B 53 -0.72 -19.91 -1.84
N GLY B 54 -2.01 -19.86 -2.14
CA GLY B 54 -2.93 -20.90 -1.76
C GLY B 54 -3.49 -20.82 -0.35
N SER B 55 -2.87 -20.06 0.56
CA SER B 55 -3.40 -19.93 1.91
C SER B 55 -4.45 -18.84 1.92
N THR B 56 -5.52 -19.07 2.67
CA THR B 56 -6.63 -18.15 2.73
C THR B 56 -6.96 -17.77 4.17
N ASN B 57 -7.57 -16.61 4.33
CA ASN B 57 -8.11 -16.21 5.61
C ASN B 57 -9.38 -15.39 5.39
N TYR B 58 -10.13 -15.18 6.49
CA TYR B 58 -11.46 -14.62 6.42
C TYR B 58 -11.73 -13.79 7.66
N ALA B 59 -12.57 -12.77 7.49
CA ALA B 59 -13.20 -12.11 8.63
C ALA B 59 -14.12 -13.10 9.33
N GLY B 60 -14.13 -13.06 10.68
CA GLY B 60 -15.00 -13.93 11.42
C GLY B 60 -16.46 -13.79 11.03
N SER B 61 -16.87 -12.58 10.62
CA SER B 61 -18.28 -12.40 10.30
C SER B 61 -18.67 -13.01 8.98
N VAL B 62 -17.70 -13.42 8.17
CA VAL B 62 -18.05 -14.01 6.87
C VAL B 62 -17.60 -15.45 6.78
N LYS B 63 -16.77 -15.93 7.71
CA LYS B 63 -16.32 -17.31 7.68
C LYS B 63 -17.52 -18.24 7.66
N GLY B 64 -17.49 -19.19 6.73
CA GLY B 64 -18.58 -20.12 6.53
C GLY B 64 -19.59 -19.72 5.48
N ARG B 65 -19.62 -18.45 5.09
CA ARG B 65 -20.54 -17.95 4.10
C ARG B 65 -19.83 -17.52 2.83
N PHE B 66 -18.62 -16.96 2.94
CA PHE B 66 -17.87 -16.49 1.78
C PHE B 66 -16.66 -17.39 1.55
N THR B 67 -16.31 -17.56 0.28
CA THR B 67 -15.14 -18.37 -0.10
C THR B 67 -14.32 -17.61 -1.13
N ILE B 68 -13.03 -17.44 -0.84
CA ILE B 68 -12.10 -16.80 -1.78
C ILE B 68 -11.41 -17.93 -2.56
N SER B 69 -11.15 -17.73 -3.84
CA SER B 69 -10.48 -18.75 -4.62
C SER B 69 -9.72 -18.13 -5.77
N GLN B 70 -8.63 -18.77 -6.14
CA GLN B 70 -7.82 -18.33 -7.26
C GLN B 70 -8.19 -19.18 -8.48
N ASP B 71 -8.40 -18.53 -9.62
N ASP B 71 -8.25 -18.52 -9.64
CA ASP B 71 -8.81 -19.28 -10.80
CA ASP B 71 -8.35 -19.11 -10.98
C ASP B 71 -7.65 -20.16 -11.27
C ASP B 71 -7.15 -18.58 -11.77
N ASN B 72 -7.94 -21.46 -11.45
N ASN B 72 -5.97 -19.17 -11.57
CA ASN B 72 -6.87 -22.39 -11.80
CA ASN B 72 -4.79 -18.54 -12.15
C ASN B 72 -6.23 -22.09 -13.14
C ASN B 72 -4.88 -18.48 -13.67
N ALA B 73 -6.87 -21.27 -13.97
N ALA B 73 -5.43 -19.51 -14.31
CA ALA B 73 -6.34 -20.98 -15.30
CA ALA B 73 -5.58 -19.54 -15.76
C ALA B 73 -6.36 -19.52 -15.69
C ALA B 73 -6.27 -18.28 -16.29
N LYS B 74 -6.83 -18.62 -14.83
N LYS B 74 -6.84 -17.48 -15.39
CA LYS B 74 -6.87 -17.19 -15.15
CA LYS B 74 -7.55 -16.27 -15.77
C LYS B 74 -6.27 -16.39 -14.01
C LYS B 74 -6.98 -15.03 -15.06
N ASN B 75 -5.83 -15.19 -14.38
CA ASN B 75 -5.33 -14.18 -13.43
C ASN B 75 -6.46 -13.48 -12.69
N THR B 76 -7.35 -14.26 -12.08
CA THR B 76 -8.57 -13.77 -11.44
C THR B 76 -8.75 -14.49 -10.11
N VAL B 77 -9.15 -13.74 -9.10
CA VAL B 77 -9.58 -14.27 -7.82
C VAL B 77 -11.07 -13.99 -7.64
N TYR B 78 -11.79 -14.98 -7.14
CA TYR B 78 -13.20 -14.84 -6.90
C TYR B 78 -13.50 -14.73 -5.41
N LEU B 79 -14.60 -14.05 -5.10
CA LEU B 79 -15.19 -14.09 -3.76
C LEU B 79 -16.62 -14.57 -3.92
N GLN B 80 -16.87 -15.84 -3.56
CA GLN B 80 -18.23 -16.37 -3.60
C GLN B 80 -18.91 -16.01 -2.30
N MET B 81 -20.04 -15.30 -2.39
CA MET B 81 -20.68 -14.74 -1.20
C MET B 81 -22.07 -15.41 -1.10
N ASN B 82 -22.20 -16.33 -0.16
CA ASN B 82 -23.46 -17.03 0.05
C ASN B 82 -24.13 -16.54 1.32
N SER B 83 -25.42 -16.86 1.43
CA SER B 83 -26.16 -16.54 2.65
C SER B 83 -26.01 -15.08 3.02
N LEU B 84 -26.22 -14.22 2.02
CA LEU B 84 -25.95 -12.80 2.24
C LEU B 84 -26.90 -12.19 3.27
N LYS B 85 -26.38 -11.21 4.01
CA LYS B 85 -27.14 -10.55 5.07
C LYS B 85 -27.11 -9.06 4.82
N PRO B 86 -28.08 -8.31 5.39
CA PRO B 86 -28.07 -6.84 5.22
C PRO B 86 -26.75 -6.23 5.63
N GLU B 87 -26.12 -6.79 6.65
CA GLU B 87 -24.87 -6.23 7.18
C GLU B 87 -23.73 -6.40 6.18
N ASP B 88 -23.91 -7.20 5.13
CA ASP B 88 -22.89 -7.35 4.10
C ASP B 88 -22.93 -6.21 3.06
N THR B 89 -23.91 -5.32 3.14
CA THR B 89 -24.02 -4.20 2.20
C THR B 89 -22.82 -3.28 2.32
N ALA B 90 -22.18 -2.99 1.18
CA ALA B 90 -20.96 -2.19 1.19
C ALA B 90 -20.46 -2.14 -0.25
N VAL B 91 -19.45 -1.27 -0.49
CA VAL B 91 -18.66 -1.35 -1.72
C VAL B 91 -17.51 -2.29 -1.45
N TYR B 92 -17.34 -3.30 -2.30
CA TYR B 92 -16.28 -4.29 -2.11
C TYR B 92 -15.13 -3.91 -3.04
N TYR B 93 -13.93 -3.94 -2.48
CA TYR B 93 -12.70 -3.59 -3.20
C TYR B 93 -11.73 -4.75 -3.14
N CYS B 94 -11.04 -5.05 -4.23
CA CYS B 94 -9.88 -5.91 -4.14
C CYS B 94 -8.62 -5.05 -4.22
N ALA B 95 -7.59 -5.53 -3.53
CA ALA B 95 -6.27 -4.93 -3.58
C ALA B 95 -5.28 -6.06 -3.71
N ALA B 96 -4.27 -5.89 -4.54
CA ALA B 96 -3.30 -6.95 -4.73
C ALA B 96 -1.91 -6.37 -4.79
N THR B 97 -0.92 -7.14 -4.37
CA THR B 97 0.47 -6.79 -4.60
C THR B 97 0.98 -7.72 -5.68
N ILE B 98 1.44 -7.13 -6.79
CA ILE B 98 1.76 -7.85 -8.03
C ILE B 98 3.03 -7.23 -8.60
N SER B 99 4.00 -8.06 -9.02
CA SER B 99 5.17 -7.51 -9.69
C SER B 99 4.83 -7.37 -11.18
N ARG B 100 5.49 -6.45 -11.85
CA ARG B 100 5.27 -6.29 -13.27
C ARG B 100 6.47 -6.81 -14.03
N THR B 101 6.25 -7.07 -15.32
CA THR B 101 7.32 -7.55 -16.17
C THR B 101 8.55 -6.67 -15.97
N GLY B 102 9.70 -7.33 -15.80
CA GLY B 102 10.96 -6.67 -15.60
C GLY B 102 11.34 -6.41 -14.17
N SER B 103 10.44 -6.65 -13.20
CA SER B 103 10.67 -6.28 -11.82
C SER B 103 10.42 -7.46 -10.90
N LEU B 104 11.14 -7.46 -9.78
CA LEU B 104 10.89 -8.40 -8.71
C LEU B 104 10.12 -7.79 -7.55
N TRP B 105 9.58 -6.60 -7.72
CA TRP B 105 8.91 -5.93 -6.61
C TRP B 105 7.39 -6.04 -6.78
N CYS B 106 6.72 -6.64 -5.83
CA CYS B 106 5.27 -6.65 -5.85
C CYS B 106 4.74 -5.31 -5.39
N GLU B 107 4.00 -4.63 -6.25
CA GLU B 107 3.47 -3.29 -6.01
CA GLU B 107 3.49 -3.30 -5.93
C GLU B 107 1.97 -3.37 -5.79
N GLU B 108 1.43 -2.40 -5.06
CA GLU B 108 0.03 -2.43 -4.69
C GLU B 108 -0.83 -1.84 -5.81
N TYR B 109 -1.93 -2.53 -6.11
CA TYR B 109 -2.94 -2.08 -7.06
C TYR B 109 -4.31 -2.28 -6.43
N TRP B 110 -5.26 -1.44 -6.84
CA TRP B 110 -6.62 -1.50 -6.32
C TRP B 110 -7.61 -1.63 -7.46
N GLY B 111 -8.67 -2.44 -7.24
CA GLY B 111 -9.82 -2.43 -8.11
C GLY B 111 -10.64 -1.17 -7.92
N GLN B 112 -11.66 -1.06 -8.79
CA GLN B 112 -12.48 0.15 -8.86
C GLN B 112 -13.67 0.10 -7.91
N GLY B 113 -13.89 -1.01 -7.21
CA GLY B 113 -15.04 -1.16 -6.33
C GLY B 113 -16.26 -1.71 -7.04
N THR B 114 -17.10 -2.42 -6.28
CA THR B 114 -18.41 -2.89 -6.78
C THR B 114 -19.40 -2.82 -5.63
N GLN B 115 -20.53 -2.16 -5.85
CA GLN B 115 -21.54 -2.07 -4.80
C GLN B 115 -22.25 -3.40 -4.65
N VAL B 116 -22.47 -3.81 -3.39
CA VAL B 116 -23.30 -4.95 -3.04
C VAL B 116 -24.35 -4.40 -2.07
N THR B 117 -25.62 -4.61 -2.34
CA THR B 117 -26.67 -4.18 -1.44
CA THR B 117 -26.69 -4.17 -1.45
C THR B 117 -27.58 -5.36 -1.17
N VAL B 118 -27.75 -5.70 0.10
CA VAL B 118 -28.55 -6.85 0.50
C VAL B 118 -29.74 -6.31 1.29
N SER B 119 -30.94 -6.59 0.82
CA SER B 119 -32.13 -6.09 1.50
C SER B 119 -32.86 -7.21 2.23
N SER B 120 -33.44 -6.89 3.37
CA SER B 120 -34.21 -7.89 4.13
C SER B 120 -35.57 -8.15 3.48
C1 NAG C . 6.50 17.61 -11.40
C2 NAG C . 7.97 17.91 -11.71
C3 NAG C . 8.19 19.41 -11.97
C4 NAG C . 7.18 19.97 -12.95
C5 NAG C . 5.79 19.67 -12.43
C6 NAG C . 4.68 20.19 -13.32
C7 NAG C . 9.90 16.73 -10.71
C8 NAG C . 10.30 16.35 -12.10
N2 NAG C . 8.79 17.47 -10.59
O3 NAG C . 9.50 19.61 -12.49
O4 NAG C . 7.36 21.37 -13.10
O5 NAG C . 5.64 18.25 -12.38
O6 NAG C . 4.55 19.41 -14.50
O7 NAG C . 10.56 16.39 -9.73
C1 EDO D . 21.38 4.78 2.46
O1 EDO D . 21.90 5.03 3.77
C2 EDO D . 22.44 4.89 1.36
O2 EDO D . 23.66 4.24 1.76
H11 EDO D . 20.58 5.49 2.25
H12 EDO D . 20.96 3.77 2.44
HO1 EDO D . 22.82 5.34 3.70
H21 EDO D . 22.65 5.95 1.15
H22 EDO D . 22.06 4.44 0.44
HO2 EDO D . 23.49 3.72 2.56
C ACT E . -4.58 -11.80 -9.49
O ACT E . -3.70 -10.91 -9.23
OXT ACT E . -4.46 -13.05 -9.58
CH3 ACT E . -6.04 -11.26 -9.71
C1 EDO F . -18.33 -11.76 -12.74
O1 EDO F . -19.56 -11.05 -12.99
C2 EDO F . -18.17 -11.94 -11.23
O2 EDO F . -18.09 -13.32 -10.90
H11 EDO F . -17.49 -11.20 -13.15
H12 EDO F . -18.36 -12.74 -13.24
HO1 EDO F . -19.51 -10.18 -12.60
H21 EDO F . -19.02 -11.49 -10.72
H22 EDO F . -17.27 -11.43 -10.90
HO2 EDO F . -17.26 -13.69 -11.26
#